data_4JJ8
#
_entry.id   4JJ8
#
_cell.length_a   89.089
_cell.length_b   89.089
_cell.length_c   185.535
_cell.angle_alpha   90.00
_cell.angle_beta   90.00
_cell.angle_gamma   120.00
#
_symmetry.space_group_name_H-M   'P 32 2 1'
#
loop_
_entity.id
_entity.type
_entity.pdbx_description
1 polymer Caspase-7
2 polymer 'Caspase Inhibitor'
3 water water
#
loop_
_entity_poly.entity_id
_entity_poly.type
_entity_poly.pdbx_seq_one_letter_code
_entity_poly.pdbx_strand_id
1 'polypeptide(L)'
;TYQYNMNFEKLGKCIIINNKNFDKVTGMGVRNGTDKDAEALFKCFRSLGFDVIVYNDCSCAKMQDLLKKASEEDHTNAAC
FACILLSHGEENVIYGKDGVTPIKDLTAHFRGDRCKTLLEKPKLFFIQACRGTELDDGIQADSGPINDTDANPRYKIPVE
ADFLFAYSTVPGYYSWRSPGRGSWFVQALCSILEEHGKDLEIMQILTRVNDRVARHFESQSDDPHFHEKKQIPCVVSMLT
KELYFSQQLHHHHHH
;
A,B
2 'polypeptide(L)' (ACE)(1MH)D(B3L)(HLX)(1U8) C,D
#
# COMPACT_ATOMS: atom_id res chain seq x y z
N THR A 1 14.46 18.13 -4.93
CA THR A 1 13.39 18.83 -4.23
C THR A 1 12.20 17.90 -3.98
N TYR A 2 12.01 16.96 -4.90
CA TYR A 2 10.93 15.99 -4.82
C TYR A 2 11.48 14.59 -4.58
N GLN A 3 12.75 14.53 -4.19
CA GLN A 3 13.43 13.27 -3.92
C GLN A 3 13.97 13.21 -2.50
N TYR A 4 14.14 12.00 -1.99
CA TYR A 4 14.78 11.81 -0.69
C TYR A 4 16.26 12.16 -0.82
N ASN A 5 16.79 12.84 0.19
CA ASN A 5 18.20 13.20 0.23
C ASN A 5 19.08 11.98 0.47
N MET A 6 19.95 11.69 -0.48
CA MET A 6 20.85 10.54 -0.36
C MET A 6 22.29 10.99 -0.11
N ASN A 7 22.44 12.25 0.31
CA ASN A 7 23.77 12.82 0.54
C ASN A 7 24.27 12.53 1.94
N PHE A 8 24.55 11.27 2.21
CA PHE A 8 25.08 10.85 3.51
C PHE A 8 26.32 9.97 3.35
N GLU A 9 27.04 9.73 4.44
CA GLU A 9 28.21 8.88 4.43
C GLU A 9 27.85 7.45 4.07
N LYS A 10 26.76 6.96 4.65
CA LYS A 10 26.29 5.62 4.40
C LYS A 10 24.86 5.64 3.88
N LEU A 11 24.51 4.64 3.08
CA LEU A 11 23.15 4.51 2.58
C LEU A 11 22.24 4.15 3.74
N GLY A 12 22.68 3.20 4.55
CA GLY A 12 21.94 2.79 5.73
C GLY A 12 22.17 1.35 6.10
N LYS A 13 21.41 0.89 7.10
CA LYS A 13 21.56 -0.46 7.59
C LYS A 13 20.47 -1.34 7.00
N CYS A 14 20.86 -2.56 6.62
CA CYS A 14 19.88 -3.52 6.11
C CYS A 14 19.92 -4.78 6.97
N ILE A 15 18.85 -4.98 7.72
CA ILE A 15 18.73 -6.16 8.57
C ILE A 15 17.95 -7.24 7.84
N ILE A 16 18.56 -8.40 7.63
CA ILE A 16 17.85 -9.50 7.00
C ILE A 16 17.61 -10.61 8.03
N ILE A 17 16.34 -10.91 8.28
CA ILE A 17 15.98 -11.97 9.21
C ILE A 17 15.54 -13.22 8.44
N ASN A 18 16.40 -14.21 8.41
CA ASN A 18 16.17 -15.43 7.64
C ASN A 18 15.77 -16.59 8.53
N ASN A 19 14.47 -16.79 8.69
CA ASN A 19 13.96 -17.89 9.50
C ASN A 19 13.66 -19.12 8.63
N LYS A 20 14.45 -20.17 8.82
CA LYS A 20 14.34 -21.37 8.01
C LYS A 20 13.82 -22.55 8.82
N ASN A 21 14.41 -22.74 10.00
CA ASN A 21 14.04 -23.85 10.87
C ASN A 21 13.17 -23.36 12.02
N PHE A 22 12.18 -24.16 12.40
CA PHE A 22 11.21 -23.74 13.40
C PHE A 22 11.03 -24.80 14.48
N ASP A 23 10.70 -24.35 15.69
CA ASP A 23 10.43 -25.25 16.80
C ASP A 23 9.28 -26.18 16.47
N LYS A 24 9.29 -27.37 17.06
CA LYS A 24 8.30 -28.40 16.76
C LYS A 24 6.92 -27.97 17.25
N VAL A 25 6.88 -27.10 18.24
CA VAL A 25 5.64 -26.66 18.84
C VAL A 25 4.83 -25.77 17.90
N THR A 26 5.51 -25.17 16.92
CA THR A 26 4.85 -24.32 15.93
C THR A 26 4.19 -25.15 14.82
N GLY A 27 4.69 -26.36 14.62
CA GLY A 27 4.15 -27.27 13.61
C GLY A 27 4.45 -26.88 12.17
N MET A 28 5.44 -26.01 11.98
CA MET A 28 5.82 -25.58 10.64
C MET A 28 7.12 -26.17 10.09
N GLY A 29 7.06 -26.55 8.82
CA GLY A 29 8.16 -27.23 8.19
C GLY A 29 9.26 -26.26 7.83
N VAL A 30 10.39 -26.82 7.43
CA VAL A 30 11.56 -26.07 7.03
C VAL A 30 11.31 -25.28 5.74
N ARG A 31 11.70 -24.02 5.74
CA ARG A 31 11.48 -23.14 4.60
C ARG A 31 12.61 -23.28 3.58
N ASN A 32 12.70 -24.44 2.94
CA ASN A 32 13.74 -24.71 1.96
C ASN A 32 13.74 -23.70 0.82
N GLY A 33 14.92 -23.18 0.50
CA GLY A 33 15.07 -22.20 -0.57
C GLY A 33 15.29 -20.79 -0.03
N THR A 34 15.08 -20.61 1.28
CA THR A 34 15.17 -19.28 1.87
C THR A 34 16.63 -18.83 2.01
N ASP A 35 17.56 -19.78 1.98
CA ASP A 35 18.98 -19.43 2.04
C ASP A 35 19.43 -18.83 0.71
N LYS A 36 18.94 -19.40 -0.39
CA LYS A 36 19.18 -18.82 -1.71
C LYS A 36 18.67 -17.39 -1.76
N ASP A 37 17.44 -17.21 -1.25
CA ASP A 37 16.81 -15.91 -1.18
C ASP A 37 17.65 -14.93 -0.36
N ALA A 38 18.02 -15.34 0.84
CA ALA A 38 18.76 -14.49 1.75
C ALA A 38 20.12 -14.09 1.19
N GLU A 39 20.77 -15.02 0.51
CA GLU A 39 22.07 -14.75 -0.10
C GLU A 39 21.92 -13.75 -1.24
N ALA A 40 20.97 -14.02 -2.13
CA ALA A 40 20.69 -13.13 -3.25
C ALA A 40 20.38 -11.72 -2.77
N LEU A 41 19.55 -11.64 -1.74
CA LEU A 41 19.15 -10.39 -1.11
C LEU A 41 20.38 -9.68 -0.54
N PHE A 42 21.23 -10.45 0.11
CA PHE A 42 22.42 -9.89 0.74
C PHE A 42 23.32 -9.26 -0.31
N LYS A 43 23.46 -9.92 -1.45
CA LYS A 43 24.28 -9.38 -2.53
C LYS A 43 23.64 -8.17 -3.20
N CYS A 44 22.34 -8.23 -3.48
CA CYS A 44 21.66 -7.09 -4.11
C CYS A 44 21.71 -5.85 -3.23
N PHE A 45 21.34 -6.01 -1.96
CA PHE A 45 21.29 -4.87 -1.05
C PHE A 45 22.68 -4.38 -0.66
N ARG A 46 23.67 -5.28 -0.70
CA ARG A 46 25.06 -4.86 -0.53
C ARG A 46 25.45 -3.99 -1.72
N SER A 47 25.08 -4.45 -2.91
CA SER A 47 25.37 -3.74 -4.15
C SER A 47 24.72 -2.36 -4.19
N LEU A 48 23.54 -2.24 -3.59
CA LEU A 48 22.85 -0.96 -3.52
C LEU A 48 23.65 0.04 -2.67
N GLY A 49 24.35 -0.49 -1.67
CA GLY A 49 25.17 0.34 -0.80
C GLY A 49 24.82 0.19 0.67
N PHE A 50 23.97 -0.79 0.98
CA PHE A 50 23.57 -1.03 2.36
C PHE A 50 24.65 -1.74 3.16
N ASP A 51 24.62 -1.54 4.47
CA ASP A 51 25.41 -2.34 5.39
C ASP A 51 24.53 -3.46 5.90
N VAL A 52 24.69 -4.65 5.31
CA VAL A 52 23.73 -5.73 5.49
C VAL A 52 24.20 -6.76 6.52
N ILE A 53 23.33 -7.07 7.47
CA ILE A 53 23.60 -8.12 8.45
C ILE A 53 22.50 -9.16 8.41
N VAL A 54 22.87 -10.44 8.33
CA VAL A 54 21.90 -11.51 8.26
C VAL A 54 21.84 -12.33 9.56
N TYR A 55 20.66 -12.37 10.16
CA TYR A 55 20.42 -13.14 11.36
C TYR A 55 19.59 -14.36 10.98
N ASN A 56 19.89 -15.52 11.55
CA ASN A 56 19.20 -16.75 11.15
C ASN A 56 18.42 -17.41 12.28
N ASP A 57 17.23 -17.92 11.93
CA ASP A 57 16.36 -18.64 12.84
C ASP A 57 16.16 -17.88 14.15
N CYS A 58 15.54 -16.71 14.07
CA CYS A 58 15.37 -15.85 15.23
C CYS A 58 14.05 -16.11 15.94
N SER A 59 14.05 -15.94 17.25
CA SER A 59 12.83 -16.05 18.04
C SER A 59 12.11 -14.70 18.03
N CYS A 60 10.86 -14.69 18.47
CA CYS A 60 10.07 -13.47 18.48
C CYS A 60 10.74 -12.40 19.33
N ALA A 61 11.20 -12.81 20.50
CA ALA A 61 11.90 -11.92 21.41
C ALA A 61 13.19 -11.42 20.78
N LYS A 62 13.82 -12.29 19.98
CA LYS A 62 15.07 -11.93 19.31
C LYS A 62 14.83 -10.90 18.21
N MET A 63 13.78 -11.08 17.42
CA MET A 63 13.44 -10.14 16.36
C MET A 63 13.07 -8.78 16.96
N GLN A 64 12.23 -8.82 18.00
CA GLN A 64 11.84 -7.59 18.69
C GLN A 64 13.05 -6.87 19.25
N ASP A 65 13.95 -7.60 19.90
CA ASP A 65 15.14 -7.01 20.48
C ASP A 65 16.03 -6.42 19.40
N LEU A 66 16.19 -7.15 18.29
CA LEU A 66 16.97 -6.70 17.16
C LEU A 66 16.50 -5.36 16.61
N LEU A 67 15.22 -5.31 16.21
CA LEU A 67 14.68 -4.09 15.63
C LEU A 67 14.63 -2.96 16.66
N LYS A 68 14.49 -3.33 17.93
CA LYS A 68 14.51 -2.36 19.02
C LYS A 68 15.88 -1.66 19.08
N LYS A 69 16.93 -2.47 19.21
CA LYS A 69 18.29 -1.96 19.26
C LYS A 69 18.65 -1.16 18.01
N ALA A 70 18.18 -1.65 16.87
CA ALA A 70 18.41 -0.95 15.61
C ALA A 70 17.74 0.42 15.64
N SER A 71 16.55 0.46 16.23
CA SER A 71 15.82 1.72 16.35
C SER A 71 16.50 2.66 17.34
N GLU A 72 17.28 2.09 18.24
CA GLU A 72 17.95 2.90 19.25
C GLU A 72 19.35 3.36 18.85
N GLU A 73 19.82 2.89 17.69
CA GLU A 73 21.13 3.30 17.20
C GLU A 73 21.11 4.71 16.61
N ASP A 74 22.26 5.16 16.12
CA ASP A 74 22.41 6.50 15.59
C ASP A 74 22.49 6.48 14.08
N HIS A 75 21.40 6.88 13.43
CA HIS A 75 21.31 6.85 11.98
C HIS A 75 21.51 8.25 11.38
N THR A 76 22.25 9.09 12.10
CA THR A 76 22.46 10.48 11.70
C THR A 76 23.22 10.56 10.38
N ASN A 77 24.12 9.62 10.16
CA ASN A 77 24.92 9.59 8.93
C ASN A 77 24.37 8.56 7.95
N ALA A 78 23.11 8.18 8.15
CA ALA A 78 22.47 7.18 7.30
C ALA A 78 21.35 7.81 6.49
N ALA A 79 21.28 7.46 5.21
CA ALA A 79 20.27 8.02 4.32
C ALA A 79 18.91 7.37 4.57
N CYS A 80 18.92 6.08 4.85
CA CYS A 80 17.69 5.33 5.06
C CYS A 80 17.92 4.10 5.94
N PHE A 81 16.87 3.29 6.06
CA PHE A 81 16.94 2.03 6.79
C PHE A 81 16.12 0.97 6.06
N ALA A 82 16.57 -0.28 6.14
CA ALA A 82 15.86 -1.37 5.48
C ALA A 82 15.83 -2.62 6.33
N CYS A 83 14.66 -3.27 6.37
CA CYS A 83 14.52 -4.54 7.06
C CYS A 83 13.78 -5.53 6.18
N ILE A 84 14.30 -6.75 6.13
CA ILE A 84 13.73 -7.82 5.33
C ILE A 84 13.36 -8.99 6.24
N LEU A 85 12.12 -9.47 6.11
CA LEU A 85 11.64 -10.59 6.91
C LEU A 85 11.35 -11.78 6.02
N LEU A 86 12.09 -12.87 6.25
CA LEU A 86 11.88 -14.11 5.51
C LEU A 86 11.42 -15.22 6.47
N SER A 87 10.13 -15.48 6.50
CA SER A 87 9.60 -16.48 7.42
C SER A 87 8.20 -16.97 7.05
N HIS A 88 7.64 -17.82 7.92
CA HIS A 88 6.25 -18.22 7.80
C HIS A 88 5.40 -17.07 8.30
N GLY A 89 4.17 -16.98 7.83
CA GLY A 89 3.32 -15.87 8.22
C GLY A 89 1.83 -16.10 8.15
N GLU A 90 1.10 -15.26 8.89
CA GLU A 90 -0.35 -15.21 8.84
C GLU A 90 -0.70 -13.73 8.77
N GLU A 91 -1.99 -13.41 8.72
CA GLU A 91 -2.39 -12.02 8.50
C GLU A 91 -1.95 -11.10 9.65
N ASN A 92 -1.24 -10.04 9.30
CA ASN A 92 -0.74 -9.04 10.25
C ASN A 92 0.26 -9.61 11.26
N VAL A 93 0.76 -10.80 11.01
CA VAL A 93 1.59 -11.51 11.97
C VAL A 93 2.69 -12.30 11.25
N ILE A 94 3.86 -12.40 11.88
CA ILE A 94 4.94 -13.19 11.30
C ILE A 94 5.54 -14.15 12.31
N TYR A 95 6.10 -15.25 11.82
CA TYR A 95 6.61 -16.29 12.69
C TYR A 95 8.09 -16.14 13.01
N GLY A 96 8.41 -16.26 14.30
CA GLY A 96 9.76 -16.52 14.75
C GLY A 96 9.87 -18.02 14.76
N LYS A 97 10.93 -18.58 15.34
CA LYS A 97 11.01 -20.03 15.41
C LYS A 97 10.24 -20.54 16.61
N ASP A 98 10.04 -19.68 17.61
CA ASP A 98 9.28 -20.04 18.80
C ASP A 98 7.77 -19.91 18.56
N GLY A 99 7.36 -18.86 17.85
CA GLY A 99 5.95 -18.63 17.58
C GLY A 99 5.67 -17.42 16.70
N VAL A 100 4.70 -16.61 17.08
CA VAL A 100 4.25 -15.49 16.24
C VAL A 100 4.37 -14.14 16.95
N THR A 101 4.62 -13.10 16.16
CA THR A 101 4.68 -11.74 16.66
C THR A 101 4.10 -10.79 15.62
N PRO A 102 3.39 -9.74 16.08
CA PRO A 102 2.77 -8.76 15.20
C PRO A 102 3.79 -7.90 14.47
N ILE A 103 3.63 -7.78 13.15
CA ILE A 103 4.54 -7.02 12.31
C ILE A 103 4.56 -5.54 12.71
N LYS A 104 3.40 -5.02 13.07
CA LYS A 104 3.29 -3.62 13.46
C LYS A 104 4.13 -3.34 14.71
N ASP A 105 4.30 -4.36 15.55
CA ASP A 105 5.12 -4.23 16.75
C ASP A 105 6.60 -4.23 16.39
N LEU A 106 6.93 -4.84 15.25
CA LEU A 106 8.30 -4.82 14.75
C LEU A 106 8.63 -3.46 14.15
N THR A 107 7.70 -2.93 13.36
CA THR A 107 7.93 -1.68 12.65
C THR A 107 7.70 -0.43 13.49
N ALA A 108 6.98 -0.56 14.61
CA ALA A 108 6.63 0.60 15.43
C ALA A 108 7.86 1.22 16.09
N HIS A 109 8.92 0.44 16.24
CA HIS A 109 10.14 0.92 16.86
C HIS A 109 10.77 2.05 16.06
N PHE A 110 10.50 2.08 14.76
CA PHE A 110 11.11 3.06 13.87
C PHE A 110 10.16 4.22 13.57
N ARG A 111 9.09 4.31 14.36
CA ARG A 111 8.17 5.43 14.24
C ARG A 111 8.90 6.75 14.50
N GLY A 112 8.35 7.83 13.97
CA GLY A 112 9.00 9.13 14.04
C GLY A 112 9.26 9.59 15.47
N ASP A 113 8.36 9.25 16.37
CA ASP A 113 8.46 9.67 17.78
C ASP A 113 9.38 8.77 18.59
N ARG A 114 9.85 7.69 17.97
CA ARG A 114 10.67 6.71 18.68
C ARG A 114 12.07 6.61 18.12
N CYS A 115 12.20 6.79 16.80
CA CYS A 115 13.50 6.80 16.15
C CYS A 115 13.74 8.15 15.50
N LYS A 116 14.26 9.09 16.27
CA LYS A 116 14.42 10.47 15.82
C LYS A 116 15.52 10.64 14.78
N THR A 117 16.47 9.72 14.76
CA THR A 117 17.60 9.82 13.83
C THR A 117 17.20 9.39 12.42
N LEU A 118 16.07 8.71 12.31
CA LEU A 118 15.53 8.30 11.01
C LEU A 118 14.34 9.16 10.64
N LEU A 119 14.18 10.27 11.35
CA LEU A 119 13.09 11.20 11.07
C LEU A 119 13.25 11.81 9.68
N GLU A 120 12.14 11.89 8.95
CA GLU A 120 12.13 12.42 7.58
C GLU A 120 12.93 11.53 6.61
N LYS A 121 13.35 10.36 7.08
CA LYS A 121 14.09 9.42 6.24
C LYS A 121 13.24 8.19 5.98
N PRO A 122 13.44 7.55 4.81
CA PRO A 122 12.63 6.38 4.46
C PRO A 122 12.98 5.13 5.25
N LYS A 123 11.95 4.42 5.71
CA LYS A 123 12.12 3.16 6.42
C LYS A 123 11.46 2.05 5.59
N LEU A 124 12.28 1.15 5.07
CA LEU A 124 11.78 0.16 4.12
C LEU A 124 11.65 -1.22 4.77
N PHE A 125 10.51 -1.86 4.54
CA PHE A 125 10.27 -3.19 5.07
C PHE A 125 9.82 -4.14 3.97
N PHE A 126 10.64 -5.16 3.73
CA PHE A 126 10.35 -6.17 2.73
C PHE A 126 9.96 -7.46 3.44
N ILE A 127 8.72 -7.89 3.26
CA ILE A 127 8.24 -9.06 3.99
C ILE A 127 7.82 -10.20 3.07
N GLN A 128 8.62 -11.26 3.05
CA GLN A 128 8.27 -12.47 2.33
C GLN A 128 7.64 -13.44 3.32
N ALA A 129 6.31 -13.52 3.27
CA ALA A 129 5.52 -14.34 4.18
C ALA A 129 4.09 -14.41 3.69
N CYS A 130 3.34 -15.41 4.15
CA CYS A 130 1.93 -15.51 3.82
C CYS A 130 1.15 -14.53 4.68
N ARG A 131 -0.02 -14.12 4.20
CA ARG A 131 -0.84 -13.16 4.91
C ARG A 131 -2.26 -13.68 5.10
N GLY A 132 -2.41 -15.00 4.98
CA GLY A 132 -3.69 -15.66 5.10
C GLY A 132 -3.66 -17.07 4.57
N THR A 133 -4.81 -17.57 4.12
CA THR A 133 -4.94 -18.99 3.73
C THR A 133 -5.73 -19.19 2.44
N GLU A 134 -6.06 -18.07 1.82
CA GLU A 134 -6.86 -18.00 0.61
C GLU A 134 -5.98 -18.13 -0.63
N LEU A 135 -6.53 -18.62 -1.75
CA LEU A 135 -5.70 -18.88 -2.94
C LEU A 135 -6.13 -18.09 -4.18
N ASP A 136 -5.17 -17.73 -5.03
CA ASP A 136 -5.48 -17.04 -6.27
C ASP A 136 -5.54 -18.03 -7.42
N ASP A 137 -6.71 -18.16 -8.03
CA ASP A 137 -6.91 -19.13 -9.11
C ASP A 137 -6.49 -18.52 -10.43
N GLY A 138 -6.63 -17.20 -10.54
CA GLY A 138 -6.17 -16.51 -11.73
C GLY A 138 -7.20 -16.63 -12.84
N ILE A 139 -6.98 -15.88 -13.92
CA ILE A 139 -7.80 -15.92 -15.12
C ILE A 139 -6.94 -15.66 -16.36
N GLN A 140 -7.34 -16.21 -17.50
CA GLN A 140 -6.59 -16.00 -18.75
C GLN A 140 -7.20 -14.93 -19.64
N LYS A 156 6.00 20.25 12.34
CA LYS A 156 5.76 18.90 12.81
C LYS A 156 5.44 17.96 11.65
N ILE A 157 5.70 16.66 11.85
CA ILE A 157 5.49 15.65 10.82
C ILE A 157 4.98 14.35 11.43
N PRO A 158 4.07 13.66 10.72
CA PRO A 158 3.47 12.42 11.22
C PRO A 158 4.49 11.35 11.60
N VAL A 159 4.15 10.53 12.58
CA VAL A 159 5.06 9.51 13.09
C VAL A 159 5.05 8.29 12.17
N GLU A 160 4.00 8.17 11.37
CA GLU A 160 3.82 7.00 10.51
C GLU A 160 4.32 7.28 9.10
N ALA A 161 4.83 8.50 8.91
CA ALA A 161 5.28 8.95 7.59
C ALA A 161 6.60 8.30 7.18
N ASP A 162 6.85 8.30 5.87
CA ASP A 162 8.10 7.83 5.28
C ASP A 162 8.35 6.35 5.58
N PHE A 163 7.27 5.59 5.69
CA PHE A 163 7.36 4.13 5.77
C PHE A 163 7.03 3.53 4.41
N LEU A 164 7.63 2.38 4.13
CA LEU A 164 7.24 1.60 2.95
C LEU A 164 7.33 0.12 3.23
N PHE A 165 6.23 -0.58 2.97
CA PHE A 165 6.16 -2.01 3.16
C PHE A 165 6.02 -2.70 1.82
N ALA A 166 6.96 -3.59 1.52
CA ALA A 166 6.85 -4.39 0.32
C ALA A 166 6.52 -5.83 0.70
N TYR A 167 5.23 -6.15 0.62
CA TYR A 167 4.78 -7.49 0.96
C TYR A 167 4.88 -8.41 -0.26
N SER A 168 5.11 -9.69 0.00
CA SER A 168 5.24 -10.66 -1.07
C SER A 168 3.90 -10.93 -1.74
N THR A 169 2.82 -10.72 -0.99
CA THR A 169 1.47 -10.99 -1.49
C THR A 169 0.44 -10.07 -0.85
N VAL A 170 -0.76 -10.07 -1.41
CA VAL A 170 -1.87 -9.29 -0.87
C VAL A 170 -2.40 -9.95 0.39
N PRO A 171 -3.08 -9.19 1.25
CA PRO A 171 -3.63 -9.75 2.50
C PRO A 171 -4.61 -10.89 2.25
N GLY A 172 -4.44 -11.99 2.98
CA GLY A 172 -5.36 -13.11 2.88
C GLY A 172 -4.85 -14.26 2.03
N TYR A 173 -3.93 -13.95 1.13
CA TYR A 173 -3.45 -14.95 0.16
C TYR A 173 -2.11 -15.57 0.55
N TYR A 174 -1.71 -16.57 -0.23
CA TYR A 174 -0.45 -17.27 0.00
C TYR A 174 0.73 -16.59 -0.67
N SER A 175 1.93 -16.93 -0.22
CA SER A 175 3.16 -16.50 -0.87
C SER A 175 3.95 -17.76 -1.23
N TRP A 176 4.18 -17.94 -2.52
CA TRP A 176 4.79 -19.18 -3.00
C TRP A 176 6.31 -19.17 -2.89
N ARG A 177 6.87 -20.35 -2.64
CA ARG A 177 8.31 -20.51 -2.49
C ARG A 177 8.78 -21.84 -3.06
N SER A 178 9.64 -21.78 -4.06
CA SER A 178 10.19 -22.99 -4.68
C SER A 178 11.46 -23.41 -3.96
N PRO A 179 11.46 -24.63 -3.38
CA PRO A 179 12.56 -25.15 -2.57
C PRO A 179 13.90 -25.13 -3.28
N GLY A 180 13.87 -25.30 -4.60
CA GLY A 180 15.08 -25.32 -5.40
C GLY A 180 15.50 -23.94 -5.89
N ARG A 181 14.52 -23.08 -6.15
CA ARG A 181 14.80 -21.79 -6.79
C ARG A 181 14.63 -20.61 -5.83
N GLY A 182 13.89 -20.83 -4.75
CA GLY A 182 13.63 -19.76 -3.79
C GLY A 182 12.23 -19.21 -3.99
N SER A 183 11.84 -18.26 -3.12
CA SER A 183 10.50 -17.66 -3.22
C SER A 183 10.40 -16.77 -4.45
N TRP A 184 9.19 -16.65 -4.99
CA TRP A 184 8.92 -15.89 -6.20
C TRP A 184 9.27 -14.41 -6.04
N PHE A 185 8.66 -13.81 -5.03
CA PHE A 185 8.80 -12.38 -4.76
C PHE A 185 10.26 -11.96 -4.63
N VAL A 186 11.02 -12.72 -3.84
CA VAL A 186 12.40 -12.38 -3.56
C VAL A 186 13.29 -12.51 -4.80
N GLN A 187 13.06 -13.55 -5.59
CA GLN A 187 13.90 -13.77 -6.77
C GLN A 187 13.60 -12.75 -7.86
N ALA A 188 12.32 -12.40 -8.00
CA ALA A 188 11.93 -11.34 -8.92
C ALA A 188 12.55 -10.01 -8.50
N LEU A 189 12.36 -9.68 -7.23
CA LEU A 189 12.93 -8.47 -6.63
C LEU A 189 14.43 -8.38 -6.87
N CYS A 190 15.12 -9.49 -6.64
CA CYS A 190 16.57 -9.54 -6.79
C CYS A 190 16.98 -9.34 -8.24
N SER A 191 16.23 -9.94 -9.18
CA SER A 191 16.53 -9.74 -10.59
C SER A 191 16.40 -8.26 -10.99
N ILE A 192 15.23 -7.68 -10.66
CA ILE A 192 14.96 -6.29 -10.99
C ILE A 192 15.99 -5.36 -10.35
N LEU A 193 16.44 -5.69 -9.15
CA LEU A 193 17.45 -4.89 -8.46
C LEU A 193 18.83 -5.06 -9.10
N GLU A 194 19.13 -6.26 -9.58
CA GLU A 194 20.35 -6.52 -10.32
C GLU A 194 20.42 -5.59 -11.53
N GLU A 195 19.34 -5.56 -12.28
CA GLU A 195 19.33 -4.81 -13.54
C GLU A 195 19.19 -3.30 -13.37
N HIS A 196 18.18 -2.86 -12.63
CA HIS A 196 17.84 -1.43 -12.59
C HIS A 196 17.84 -0.82 -11.19
N GLY A 197 18.49 -1.47 -10.23
CA GLY A 197 18.44 -1.04 -8.85
C GLY A 197 18.87 0.40 -8.59
N LYS A 198 19.74 0.93 -9.44
CA LYS A 198 20.30 2.27 -9.20
C LYS A 198 19.77 3.37 -10.11
N ASP A 199 19.06 3.01 -11.17
CA ASP A 199 18.58 4.02 -12.12
C ASP A 199 17.04 4.11 -12.15
N LEU A 200 16.39 3.37 -11.27
CA LEU A 200 14.93 3.46 -11.16
C LEU A 200 14.51 3.89 -9.77
N GLU A 201 13.34 4.55 -9.68
CA GLU A 201 12.76 4.93 -8.40
C GLU A 201 12.16 3.68 -7.77
N ILE A 202 12.06 3.67 -6.44
CA ILE A 202 11.68 2.46 -5.70
C ILE A 202 10.30 1.93 -6.14
N MET A 203 9.39 2.83 -6.49
CA MET A 203 8.04 2.41 -6.85
C MET A 203 8.01 1.81 -8.25
N GLN A 204 8.90 2.29 -9.12
CA GLN A 204 9.04 1.70 -10.44
C GLN A 204 9.56 0.27 -10.31
N ILE A 205 10.60 0.12 -9.49
CA ILE A 205 11.18 -1.18 -9.20
C ILE A 205 10.13 -2.14 -8.68
N LEU A 206 9.42 -1.74 -7.63
CA LEU A 206 8.44 -2.61 -7.00
C LEU A 206 7.25 -2.91 -7.93
N THR A 207 6.96 -1.97 -8.83
CA THR A 207 5.91 -2.19 -9.81
C THR A 207 6.34 -3.26 -10.82
N ARG A 208 7.60 -3.17 -11.26
CA ARG A 208 8.16 -4.18 -12.16
C ARG A 208 8.22 -5.55 -11.46
N VAL A 209 8.44 -5.52 -10.16
CA VAL A 209 8.41 -6.74 -9.35
C VAL A 209 7.01 -7.33 -9.35
N ASN A 210 6.01 -6.46 -9.17
CA ASN A 210 4.62 -6.88 -9.25
C ASN A 210 4.33 -7.54 -10.59
N ASP A 211 4.75 -6.91 -11.67
CA ASP A 211 4.54 -7.44 -13.01
C ASP A 211 5.19 -8.80 -13.19
N ARG A 212 6.44 -8.91 -12.76
CA ARG A 212 7.20 -10.15 -12.90
C ARG A 212 6.57 -11.30 -12.12
N VAL A 213 6.27 -11.06 -10.85
CA VAL A 213 5.67 -12.08 -9.99
C VAL A 213 4.31 -12.49 -10.55
N ALA A 214 3.55 -11.51 -11.02
CA ALA A 214 2.21 -11.74 -11.53
C ALA A 214 2.22 -12.59 -12.80
N ARG A 215 3.10 -12.26 -13.73
CA ARG A 215 3.10 -12.92 -15.04
C ARG A 215 3.97 -14.18 -15.09
N HIS A 216 5.26 -14.02 -14.78
CA HIS A 216 6.23 -15.10 -15.00
C HIS A 216 5.98 -16.36 -14.18
N PHE A 217 5.12 -16.28 -13.17
CA PHE A 217 4.99 -17.42 -12.26
C PHE A 217 3.62 -18.08 -12.30
N GLU A 218 3.65 -19.42 -12.29
CA GLU A 218 2.45 -20.24 -12.18
C GLU A 218 2.82 -21.56 -11.51
N SER A 219 2.26 -21.80 -10.33
CA SER A 219 2.62 -22.96 -9.51
C SER A 219 2.25 -24.28 -10.15
N GLN A 220 3.05 -25.31 -9.89
CA GLN A 220 2.77 -26.65 -10.37
C GLN A 220 2.73 -27.64 -9.21
N SER A 221 1.64 -28.40 -9.13
CA SER A 221 1.45 -29.38 -8.06
C SER A 221 0.51 -30.50 -8.48
N ASP A 222 0.71 -31.68 -7.90
CA ASP A 222 -0.09 -32.85 -8.23
C ASP A 222 -1.51 -32.69 -7.68
N ASP A 223 -1.60 -32.07 -6.51
CA ASP A 223 -2.87 -31.67 -5.89
C ASP A 223 -3.47 -30.55 -6.74
N PRO A 224 -4.66 -30.79 -7.33
CA PRO A 224 -5.24 -29.75 -8.19
C PRO A 224 -5.56 -28.47 -7.42
N HIS A 225 -5.61 -28.56 -6.10
CA HIS A 225 -5.85 -27.43 -5.23
C HIS A 225 -4.72 -26.41 -5.30
N PHE A 226 -3.51 -26.87 -5.62
CA PHE A 226 -2.37 -25.98 -5.68
C PHE A 226 -1.76 -26.00 -7.09
N HIS A 227 -2.56 -26.41 -8.06
CA HIS A 227 -2.10 -26.50 -9.44
C HIS A 227 -2.45 -25.23 -10.21
N GLU A 228 -1.48 -24.72 -10.96
CA GLU A 228 -1.64 -23.51 -11.76
C GLU A 228 -2.23 -22.36 -10.96
N LYS A 229 -1.55 -21.96 -9.89
CA LYS A 229 -2.02 -20.85 -9.07
C LYS A 229 -1.12 -19.63 -9.22
N LYS A 230 -1.64 -18.47 -8.82
CA LYS A 230 -0.95 -17.22 -9.09
C LYS A 230 -0.65 -16.44 -7.82
N GLN A 231 0.09 -15.34 -7.97
CA GLN A 231 0.44 -14.50 -6.83
C GLN A 231 0.65 -13.05 -7.28
N ILE A 232 0.18 -12.11 -6.46
CA ILE A 232 0.41 -10.69 -6.72
C ILE A 232 0.91 -10.01 -5.44
N PRO A 233 2.08 -9.35 -5.53
CA PRO A 233 2.65 -8.64 -4.38
C PRO A 233 1.86 -7.41 -4.00
N CYS A 234 2.17 -6.83 -2.85
CA CYS A 234 1.45 -5.68 -2.34
C CYS A 234 2.43 -4.63 -1.81
N VAL A 235 2.28 -3.39 -2.28
CA VAL A 235 3.13 -2.31 -1.80
C VAL A 235 2.34 -1.25 -1.06
N VAL A 236 2.74 -1.00 0.19
CA VAL A 236 2.13 0.04 1.00
C VAL A 236 3.10 1.20 1.17
N SER A 237 2.76 2.35 0.61
CA SER A 237 3.67 3.49 0.62
C SER A 237 3.15 4.63 1.50
N MET A 238 4.01 5.08 2.41
CA MET A 238 3.75 6.27 3.22
C MET A 238 4.87 7.27 2.97
N LEU A 239 5.60 7.04 1.88
CA LEU A 239 6.71 7.90 1.52
C LEU A 239 6.21 9.27 1.08
N THR A 240 7.03 10.29 1.29
CA THR A 240 6.65 11.67 0.98
C THR A 240 7.53 12.24 -0.13
N LYS A 241 8.52 11.46 -0.57
CA LYS A 241 9.41 11.88 -1.64
C LYS A 241 9.70 10.69 -2.56
N GLU A 242 10.36 10.97 -3.68
CA GLU A 242 10.82 9.90 -4.58
C GLU A 242 12.11 9.32 -4.03
N LEU A 243 12.31 8.03 -4.24
CA LEU A 243 13.45 7.35 -3.65
C LEU A 243 14.34 6.67 -4.70
N TYR A 244 15.56 7.17 -4.85
CA TYR A 244 16.56 6.54 -5.69
C TYR A 244 17.72 6.08 -4.81
N PHE A 245 18.36 4.97 -5.17
CA PHE A 245 19.49 4.47 -4.39
C PHE A 245 20.83 4.95 -4.96
N SER A 246 20.85 6.16 -5.51
CA SER A 246 22.08 6.75 -6.02
C SER A 246 22.16 8.24 -5.69
N THR B 1 6.48 -2.47 -23.56
CA THR B 1 6.54 -1.23 -22.79
C THR B 1 6.29 -1.49 -21.31
N TYR B 2 6.56 -0.50 -20.48
CA TYR B 2 6.36 -0.65 -19.03
C TYR B 2 5.21 0.22 -18.53
N GLN B 3 4.38 0.68 -19.46
CA GLN B 3 3.27 1.55 -19.10
C GLN B 3 1.93 0.92 -19.46
N TYR B 4 0.88 1.34 -18.75
CA TYR B 4 -0.46 0.89 -19.07
C TYR B 4 -0.87 1.48 -20.41
N ASN B 5 -1.55 0.68 -21.22
CA ASN B 5 -2.01 1.15 -22.51
C ASN B 5 -3.17 2.13 -22.35
N MET B 6 -2.96 3.36 -22.82
CA MET B 6 -3.99 4.38 -22.72
C MET B 6 -4.61 4.67 -24.08
N ASN B 7 -4.37 3.77 -25.03
CA ASN B 7 -4.90 3.95 -26.38
C ASN B 7 -6.30 3.36 -26.51
N PHE B 8 -7.26 3.99 -25.84
CA PHE B 8 -8.65 3.54 -25.90
C PHE B 8 -9.55 4.71 -26.28
N GLU B 9 -10.80 4.41 -26.62
CA GLU B 9 -11.75 5.44 -27.01
C GLU B 9 -12.01 6.39 -25.85
N LYS B 10 -12.21 5.84 -24.66
CA LYS B 10 -12.42 6.64 -23.46
C LYS B 10 -11.41 6.25 -22.38
N LEU B 11 -11.11 7.22 -21.51
CA LEU B 11 -10.21 6.98 -20.40
C LEU B 11 -10.80 6.01 -19.39
N GLY B 12 -12.08 6.21 -19.07
CA GLY B 12 -12.78 5.33 -18.18
C GLY B 12 -13.89 6.00 -17.40
N LYS B 13 -14.46 5.26 -16.47
CA LYS B 13 -15.58 5.74 -15.68
C LYS B 13 -15.09 6.15 -14.30
N CYS B 14 -15.60 7.27 -13.79
CA CYS B 14 -15.25 7.68 -12.44
C CYS B 14 -16.51 7.84 -11.59
N ILE B 15 -16.66 6.93 -10.64
CA ILE B 15 -17.82 6.95 -9.76
C ILE B 15 -17.48 7.66 -8.46
N ILE B 16 -18.22 8.73 -8.15
CA ILE B 16 -18.01 9.43 -6.90
C ILE B 16 -19.19 9.22 -5.96
N ILE B 17 -18.92 8.64 -4.80
CA ILE B 17 -19.96 8.43 -3.79
C ILE B 17 -19.80 9.46 -2.68
N ASN B 18 -20.70 10.45 -2.67
CA ASN B 18 -20.61 11.54 -1.71
C ASN B 18 -21.63 11.37 -0.60
N ASN B 19 -21.22 10.72 0.49
CA ASN B 19 -22.10 10.52 1.62
C ASN B 19 -21.93 11.62 2.65
N LYS B 20 -22.95 12.45 2.78
CA LYS B 20 -22.90 13.60 3.69
C LYS B 20 -23.85 13.42 4.87
N ASN B 21 -25.07 13.00 4.57
CA ASN B 21 -26.08 12.82 5.60
C ASN B 21 -26.28 11.35 5.92
N PHE B 22 -26.48 11.08 7.21
CA PHE B 22 -26.58 9.71 7.70
C PHE B 22 -27.80 9.55 8.59
N ASP B 23 -28.35 8.34 8.64
CA ASP B 23 -29.48 8.07 9.52
C ASP B 23 -29.08 8.36 10.96
N LYS B 24 -30.07 8.76 11.76
CA LYS B 24 -29.81 9.17 13.14
C LYS B 24 -29.32 8.01 14.01
N VAL B 25 -29.71 6.80 13.65
CA VAL B 25 -29.38 5.61 14.42
C VAL B 25 -27.90 5.24 14.35
N THR B 26 -27.21 5.73 13.32
CA THR B 26 -25.79 5.44 13.17
C THR B 26 -24.99 6.32 14.13
N GLY B 27 -25.59 7.42 14.55
CA GLY B 27 -24.96 8.32 15.49
C GLY B 27 -23.84 9.10 14.83
N MET B 28 -23.86 9.15 13.50
CA MET B 28 -22.83 9.84 12.76
C MET B 28 -23.31 11.21 12.30
N GLY B 29 -22.44 12.21 12.48
CA GLY B 29 -22.80 13.59 12.20
C GLY B 29 -22.75 13.94 10.73
N VAL B 30 -23.24 15.13 10.38
CA VAL B 30 -23.22 15.60 9.01
C VAL B 30 -21.76 15.86 8.61
N ARG B 31 -21.38 15.36 7.45
CA ARG B 31 -20.00 15.51 6.99
C ARG B 31 -19.80 16.82 6.24
N ASN B 32 -19.93 17.93 6.97
CA ASN B 32 -19.78 19.25 6.37
C ASN B 32 -18.42 19.42 5.70
N GLY B 33 -18.43 19.93 4.47
CA GLY B 33 -17.21 20.12 3.72
C GLY B 33 -17.05 19.10 2.60
N THR B 34 -17.88 18.06 2.61
CA THR B 34 -17.77 17.00 1.62
C THR B 34 -18.29 17.41 0.26
N ASP B 35 -19.13 18.44 0.21
CA ASP B 35 -19.67 18.92 -1.06
C ASP B 35 -18.57 19.63 -1.84
N LYS B 36 -17.75 20.40 -1.14
CA LYS B 36 -16.57 21.04 -1.73
C LYS B 36 -15.68 19.98 -2.35
N ASP B 37 -15.46 18.92 -1.58
CA ASP B 37 -14.64 17.79 -2.00
C ASP B 37 -15.19 17.15 -3.28
N ALA B 38 -16.47 16.84 -3.28
CA ALA B 38 -17.10 16.18 -4.42
C ALA B 38 -17.04 17.06 -5.67
N GLU B 39 -17.23 18.36 -5.49
CA GLU B 39 -17.19 19.28 -6.62
C GLU B 39 -15.79 19.36 -7.22
N ALA B 40 -14.80 19.60 -6.34
CA ALA B 40 -13.41 19.66 -6.77
C ALA B 40 -12.99 18.38 -7.49
N LEU B 41 -13.33 17.24 -6.90
CA LEU B 41 -13.00 15.95 -7.46
C LEU B 41 -13.62 15.70 -8.82
N PHE B 42 -14.92 15.98 -8.93
CA PHE B 42 -15.63 15.72 -10.18
C PHE B 42 -15.04 16.61 -11.27
N LYS B 43 -14.67 17.83 -10.92
CA LYS B 43 -14.06 18.73 -11.90
C LYS B 43 -12.67 18.28 -12.34
N CYS B 44 -11.84 17.88 -11.38
CA CYS B 44 -10.48 17.42 -11.67
C CYS B 44 -10.51 16.18 -12.55
N PHE B 45 -11.32 15.20 -12.17
CA PHE B 45 -11.40 13.96 -12.91
C PHE B 45 -12.10 14.15 -14.25
N ARG B 46 -12.95 15.17 -14.36
CA ARG B 46 -13.49 15.55 -15.66
C ARG B 46 -12.36 16.06 -16.54
N SER B 47 -11.50 16.90 -15.96
CA SER B 47 -10.36 17.45 -16.69
C SER B 47 -9.39 16.36 -17.15
N LEU B 48 -9.24 15.31 -16.34
CA LEU B 48 -8.35 14.21 -16.71
C LEU B 48 -8.86 13.44 -17.92
N GLY B 49 -10.17 13.37 -18.10
CA GLY B 49 -10.74 12.69 -19.24
C GLY B 49 -11.72 11.58 -18.86
N PHE B 50 -12.05 11.51 -17.58
CA PHE B 50 -12.99 10.50 -17.09
C PHE B 50 -14.43 10.87 -17.42
N ASP B 51 -15.28 9.85 -17.52
CA ASP B 51 -16.72 10.08 -17.54
C ASP B 51 -17.21 9.91 -16.12
N VAL B 52 -17.39 11.03 -15.43
CA VAL B 52 -17.56 11.02 -13.98
C VAL B 52 -19.04 11.13 -13.57
N ILE B 53 -19.44 10.25 -12.65
CA ILE B 53 -20.78 10.25 -12.10
C ILE B 53 -20.74 10.46 -10.59
N VAL B 54 -21.55 11.38 -10.09
CA VAL B 54 -21.56 11.67 -8.66
C VAL B 54 -22.86 11.20 -7.99
N TYR B 55 -22.71 10.32 -7.00
CA TYR B 55 -23.84 9.83 -6.22
C TYR B 55 -23.82 10.45 -4.82
N ASN B 56 -25.00 10.80 -4.31
CA ASN B 56 -25.07 11.47 -3.02
C ASN B 56 -25.92 10.72 -1.99
N ASP B 57 -25.43 10.67 -0.76
CA ASP B 57 -26.12 10.02 0.36
C ASP B 57 -26.63 8.62 0.02
N CYS B 58 -25.70 7.70 -0.26
CA CYS B 58 -26.07 6.36 -0.66
C CYS B 58 -26.15 5.41 0.52
N SER B 59 -27.04 4.43 0.42
CA SER B 59 -27.16 3.39 1.44
C SER B 59 -26.14 2.29 1.13
N CYS B 60 -25.90 1.40 2.08
CA CYS B 60 -24.92 0.34 1.91
C CYS B 60 -25.31 -0.57 0.75
N ALA B 61 -26.58 -0.95 0.72
CA ALA B 61 -27.09 -1.81 -0.33
C ALA B 61 -26.99 -1.11 -1.68
N LYS B 62 -27.19 0.20 -1.68
CA LYS B 62 -27.08 0.97 -2.91
C LYS B 62 -25.64 1.06 -3.37
N MET B 63 -24.71 1.25 -2.44
CA MET B 63 -23.30 1.33 -2.79
C MET B 63 -22.84 0.01 -3.41
N GLN B 64 -23.22 -1.08 -2.76
CA GLN B 64 -22.89 -2.43 -3.24
C GLN B 64 -23.48 -2.69 -4.62
N ASP B 65 -24.77 -2.37 -4.78
CA ASP B 65 -25.49 -2.59 -6.03
C ASP B 65 -24.89 -1.76 -7.16
N LEU B 66 -24.59 -0.51 -6.84
CA LEU B 66 -23.99 0.47 -7.73
C LEU B 66 -22.67 -0.04 -8.29
N LEU B 67 -21.75 -0.38 -7.39
CA LEU B 67 -20.42 -0.82 -7.81
C LEU B 67 -20.49 -2.17 -8.52
N LYS B 68 -21.46 -2.99 -8.13
CA LYS B 68 -21.70 -4.28 -8.79
C LYS B 68 -22.11 -4.08 -10.25
N LYS B 69 -23.14 -3.27 -10.46
CA LYS B 69 -23.62 -2.96 -11.80
C LYS B 69 -22.51 -2.34 -12.63
N ALA B 70 -21.68 -1.53 -11.98
CA ALA B 70 -20.53 -0.94 -12.66
C ALA B 70 -19.56 -2.03 -13.12
N SER B 71 -19.40 -3.05 -12.28
CA SER B 71 -18.51 -4.17 -12.60
C SER B 71 -19.04 -5.03 -13.75
N GLU B 72 -20.35 -4.98 -13.98
CA GLU B 72 -21.00 -5.81 -14.99
C GLU B 72 -21.10 -5.11 -16.35
N GLU B 73 -20.67 -3.86 -16.40
CA GLU B 73 -20.70 -3.11 -17.66
C GLU B 73 -19.60 -3.56 -18.60
N ASP B 74 -19.53 -2.92 -19.77
CA ASP B 74 -18.55 -3.28 -20.77
C ASP B 74 -17.46 -2.22 -20.84
N HIS B 75 -16.30 -2.51 -20.25
CA HIS B 75 -15.21 -1.56 -20.18
C HIS B 75 -14.16 -1.87 -21.23
N THR B 76 -14.59 -2.52 -22.32
CA THR B 76 -13.68 -2.96 -23.37
C THR B 76 -12.96 -1.80 -24.03
N ASN B 77 -13.67 -0.67 -24.16
CA ASN B 77 -13.09 0.51 -24.79
C ASN B 77 -12.67 1.55 -23.75
N ALA B 78 -12.48 1.11 -22.51
CA ALA B 78 -12.09 1.99 -21.43
C ALA B 78 -10.69 1.64 -20.96
N ALA B 79 -9.87 2.66 -20.72
CA ALA B 79 -8.47 2.44 -20.34
C ALA B 79 -8.32 2.02 -18.89
N CYS B 80 -9.15 2.60 -18.01
CA CYS B 80 -9.06 2.31 -16.59
C CYS B 80 -10.40 2.53 -15.90
N PHE B 81 -10.40 2.42 -14.58
CA PHE B 81 -11.61 2.68 -13.81
C PHE B 81 -11.27 3.41 -12.52
N ALA B 82 -12.18 4.25 -12.05
CA ALA B 82 -11.93 4.97 -10.81
C ALA B 82 -13.19 5.06 -9.94
N CYS B 83 -12.99 4.86 -8.64
CA CYS B 83 -14.05 5.04 -7.66
C CYS B 83 -13.53 5.85 -6.48
N ILE B 84 -14.32 6.82 -6.06
CA ILE B 84 -13.97 7.69 -4.94
C ILE B 84 -15.05 7.58 -3.88
N LEU B 85 -14.63 7.34 -2.64
CA LEU B 85 -15.56 7.18 -1.53
C LEU B 85 -15.40 8.30 -0.52
N LEU B 86 -16.44 9.10 -0.34
CA LEU B 86 -16.43 10.17 0.66
C LEU B 86 -17.47 9.91 1.73
N SER B 87 -17.04 9.37 2.87
CA SER B 87 -17.96 9.05 3.95
C SER B 87 -17.27 8.86 5.29
N HIS B 88 -18.04 8.47 6.29
CA HIS B 88 -17.49 8.06 7.57
C HIS B 88 -16.89 6.67 7.42
N GLY B 89 -15.91 6.35 8.25
CA GLY B 89 -15.27 5.06 8.15
C GLY B 89 -14.64 4.57 9.43
N GLU B 90 -14.46 3.26 9.49
CA GLU B 90 -13.73 2.61 10.56
C GLU B 90 -12.82 1.58 9.89
N GLU B 91 -12.07 0.82 10.66
CA GLU B 91 -11.08 -0.08 10.06
C GLU B 91 -11.73 -1.14 9.18
N ASN B 92 -11.24 -1.23 7.94
CA ASN B 92 -11.70 -2.20 6.95
C ASN B 92 -13.16 -2.00 6.54
N VAL B 93 -13.72 -0.86 6.90
CA VAL B 93 -15.14 -0.63 6.75
C VAL B 93 -15.47 0.82 6.41
N ILE B 94 -16.53 1.03 5.63
CA ILE B 94 -16.97 2.39 5.32
C ILE B 94 -18.47 2.52 5.56
N TYR B 95 -18.91 3.73 5.88
CA TYR B 95 -20.30 3.99 6.23
C TYR B 95 -21.15 4.36 5.03
N GLY B 96 -22.30 3.71 4.90
CA GLY B 96 -23.35 4.25 4.05
C GLY B 96 -24.18 5.11 4.99
N LYS B 97 -25.35 5.55 4.53
CA LYS B 97 -26.25 6.28 5.40
C LYS B 97 -27.05 5.25 6.18
N ASP B 98 -27.03 4.03 5.66
CA ASP B 98 -27.77 2.91 6.22
C ASP B 98 -27.07 2.34 7.45
N GLY B 99 -25.77 2.14 7.32
CA GLY B 99 -24.97 1.54 8.36
C GLY B 99 -23.55 1.41 7.87
N VAL B 100 -22.99 0.21 8.05
CA VAL B 100 -21.59 -0.04 7.73
C VAL B 100 -21.45 -1.18 6.71
N THR B 101 -20.46 -1.07 5.82
CA THR B 101 -20.20 -2.11 4.83
C THR B 101 -18.69 -2.24 4.58
N PRO B 102 -18.21 -3.48 4.37
CA PRO B 102 -16.79 -3.75 4.13
C PRO B 102 -16.28 -3.23 2.79
N ILE B 103 -15.17 -2.50 2.82
CA ILE B 103 -14.57 -1.92 1.62
C ILE B 103 -14.12 -3.00 0.64
N LYS B 104 -13.57 -4.09 1.17
CA LYS B 104 -13.06 -5.17 0.34
C LYS B 104 -14.18 -5.82 -0.46
N ASP B 105 -15.39 -5.80 0.09
CA ASP B 105 -16.55 -6.34 -0.60
C ASP B 105 -17.03 -5.39 -1.70
N LEU B 106 -16.72 -4.11 -1.55
CA LEU B 106 -17.03 -3.11 -2.57
C LEU B 106 -16.07 -3.25 -3.73
N THR B 107 -14.79 -3.44 -3.41
CA THR B 107 -13.75 -3.50 -4.43
C THR B 107 -13.66 -4.87 -5.08
N ALA B 108 -14.24 -5.88 -4.43
CA ALA B 108 -14.17 -7.25 -4.92
C ALA B 108 -14.94 -7.43 -6.22
N HIS B 109 -15.89 -6.53 -6.48
CA HIS B 109 -16.71 -6.63 -7.68
C HIS B 109 -15.87 -6.48 -8.95
N PHE B 110 -14.74 -5.79 -8.83
CA PHE B 110 -13.89 -5.50 -9.97
C PHE B 110 -12.70 -6.44 -9.99
N ARG B 111 -12.78 -7.51 -9.21
CA ARG B 111 -11.76 -8.54 -9.18
C ARG B 111 -11.62 -9.09 -10.60
N GLY B 112 -10.45 -9.64 -10.93
CA GLY B 112 -10.22 -10.05 -12.30
C GLY B 112 -11.23 -11.06 -12.80
N ASP B 113 -11.62 -12.00 -11.96
CA ASP B 113 -12.50 -13.09 -12.38
C ASP B 113 -13.96 -12.63 -12.44
N ARG B 114 -14.20 -11.39 -12.05
CA ARG B 114 -15.55 -10.86 -11.99
C ARG B 114 -15.77 -9.71 -12.96
N CYS B 115 -14.73 -8.92 -13.19
CA CYS B 115 -14.80 -7.85 -14.17
C CYS B 115 -13.77 -8.09 -15.27
N LYS B 116 -14.14 -8.89 -16.25
CA LYS B 116 -13.23 -9.35 -17.30
C LYS B 116 -12.84 -8.22 -18.25
N THR B 117 -13.69 -7.19 -18.35
CA THR B 117 -13.45 -6.10 -19.28
C THR B 117 -12.44 -5.09 -18.73
N LEU B 118 -12.17 -5.14 -17.44
CA LEU B 118 -11.17 -4.28 -16.82
C LEU B 118 -9.92 -5.09 -16.54
N LEU B 119 -9.84 -6.22 -17.22
CA LEU B 119 -8.69 -7.08 -17.10
C LEU B 119 -7.41 -6.47 -17.65
N GLU B 120 -6.33 -6.63 -16.90
CA GLU B 120 -5.04 -6.06 -17.24
C GLU B 120 -5.12 -4.53 -17.25
N LYS B 121 -6.23 -3.99 -16.76
CA LYS B 121 -6.41 -2.54 -16.69
C LYS B 121 -6.44 -2.07 -15.25
N PRO B 122 -5.98 -0.84 -15.01
CA PRO B 122 -5.93 -0.31 -13.65
C PRO B 122 -7.30 0.07 -13.09
N LYS B 123 -7.54 -0.37 -11.85
CA LYS B 123 -8.74 -0.03 -11.11
C LYS B 123 -8.34 0.75 -9.86
N LEU B 124 -8.73 2.02 -9.83
CA LEU B 124 -8.26 2.95 -8.81
C LEU B 124 -9.35 3.26 -7.78
N PHE B 125 -8.99 3.21 -6.51
CA PHE B 125 -9.93 3.53 -5.44
C PHE B 125 -9.36 4.57 -4.49
N PHE B 126 -9.99 5.72 -4.44
CA PHE B 126 -9.60 6.81 -3.55
C PHE B 126 -10.59 6.87 -2.41
N ILE B 127 -10.13 6.62 -1.19
CA ILE B 127 -11.05 6.53 -0.07
C ILE B 127 -10.76 7.58 1.00
N GLN B 128 -11.65 8.56 1.10
CA GLN B 128 -11.62 9.54 2.17
C GLN B 128 -12.56 9.11 3.28
N ALA B 129 -11.97 8.54 4.33
CA ALA B 129 -12.69 8.02 5.47
C ALA B 129 -11.67 7.68 6.55
N CYS B 130 -12.13 7.59 7.79
CA CYS B 130 -11.24 7.18 8.87
C CYS B 130 -11.04 5.67 8.84
N ARG B 131 -9.94 5.21 9.41
CA ARG B 131 -9.63 3.79 9.41
C ARG B 131 -9.36 3.32 10.84
N GLY B 132 -9.83 4.11 11.80
CA GLY B 132 -9.63 3.81 13.21
C GLY B 132 -9.88 5.00 14.11
N THR B 133 -9.21 5.02 15.26
CA THR B 133 -9.48 6.03 16.28
C THR B 133 -8.22 6.64 16.91
N GLU B 134 -7.05 6.30 16.38
CA GLU B 134 -5.79 6.81 16.93
C GLU B 134 -5.40 8.15 16.32
N LEU B 135 -4.57 8.92 17.03
CA LEU B 135 -4.15 10.23 16.55
C LEU B 135 -2.64 10.29 16.42
N ASP B 136 -2.18 11.03 15.41
CA ASP B 136 -0.76 11.27 15.21
C ASP B 136 -0.43 12.67 15.75
N ASP B 137 0.45 12.74 16.74
CA ASP B 137 0.78 14.02 17.37
C ASP B 137 1.88 14.76 16.60
N GLY B 138 2.71 14.00 15.90
CA GLY B 138 3.76 14.56 15.07
C GLY B 138 5.04 14.82 15.84
N ILE B 139 6.10 15.23 15.13
CA ILE B 139 7.39 15.53 15.73
C ILE B 139 8.02 16.74 15.02
N GLN B 140 8.74 17.56 15.77
CA GLN B 140 9.39 18.75 15.22
C GLN B 140 10.86 18.49 14.92
N LYS B 156 -1.98 -15.97 -18.10
CA LYS B 156 -2.76 -15.95 -16.87
C LYS B 156 -2.32 -14.80 -15.96
N ILE B 157 -3.24 -14.28 -15.16
CA ILE B 157 -2.96 -13.18 -14.25
C ILE B 157 -3.82 -13.24 -12.98
N PRO B 158 -3.23 -12.88 -11.83
CA PRO B 158 -3.89 -12.88 -10.53
C PRO B 158 -5.18 -12.07 -10.52
N VAL B 159 -6.12 -12.44 -9.65
CA VAL B 159 -7.41 -11.77 -9.61
C VAL B 159 -7.33 -10.43 -8.90
N GLU B 160 -6.30 -10.27 -8.08
CA GLU B 160 -6.13 -9.07 -7.28
C GLU B 160 -5.17 -8.08 -7.91
N ALA B 161 -4.66 -8.41 -9.08
CA ALA B 161 -3.67 -7.56 -9.74
C ALA B 161 -4.28 -6.29 -10.30
N ASP B 162 -3.43 -5.28 -10.49
CA ASP B 162 -3.81 -4.01 -11.11
C ASP B 162 -4.85 -3.24 -10.30
N PHE B 163 -4.81 -3.40 -8.99
CA PHE B 163 -5.60 -2.58 -8.08
C PHE B 163 -4.73 -1.49 -7.46
N LEU B 164 -5.32 -0.34 -7.14
CA LEU B 164 -4.64 0.68 -6.37
C LEU B 164 -5.59 1.39 -5.44
N PHE B 165 -5.24 1.42 -4.16
CA PHE B 165 -6.05 2.07 -3.14
C PHE B 165 -5.34 3.30 -2.58
N ALA B 166 -5.98 4.45 -2.69
CA ALA B 166 -5.44 5.67 -2.09
C ALA B 166 -6.29 6.05 -0.90
N TYR B 167 -5.82 5.67 0.29
CA TYR B 167 -6.54 5.98 1.52
C TYR B 167 -6.13 7.37 2.01
N SER B 168 -7.07 8.03 2.69
CA SER B 168 -6.82 9.36 3.21
C SER B 168 -5.85 9.30 4.39
N THR B 169 -5.82 8.15 5.05
CA THR B 169 -4.98 7.97 6.23
C THR B 169 -4.54 6.51 6.38
N VAL B 170 -3.58 6.29 7.27
CA VAL B 170 -3.09 4.94 7.56
C VAL B 170 -4.11 4.20 8.43
N PRO B 171 -4.05 2.86 8.44
CA PRO B 171 -4.99 2.07 9.25
C PRO B 171 -4.88 2.41 10.74
N GLY B 172 -6.03 2.62 11.38
CA GLY B 172 -6.05 2.87 12.81
C GLY B 172 -6.24 4.32 13.20
N TYR B 173 -5.87 5.23 12.30
CA TYR B 173 -5.89 6.66 12.60
C TYR B 173 -7.10 7.39 12.03
N TYR B 174 -7.23 8.67 12.40
CA TYR B 174 -8.32 9.50 11.93
C TYR B 174 -8.00 10.13 10.58
N SER B 175 -9.05 10.59 9.90
CA SER B 175 -8.90 11.37 8.68
C SER B 175 -9.60 12.70 8.89
N TRP B 176 -8.84 13.79 8.79
CA TRP B 176 -9.37 15.11 9.13
C TRP B 176 -10.14 15.73 7.97
N ARG B 177 -11.14 16.52 8.32
CA ARG B 177 -12.01 17.17 7.36
C ARG B 177 -12.41 18.57 7.82
N SER B 178 -12.06 19.57 7.03
CA SER B 178 -12.40 20.95 7.34
C SER B 178 -13.76 21.32 6.75
N PRO B 179 -14.72 21.69 7.61
CA PRO B 179 -16.10 22.01 7.21
C PRO B 179 -16.17 23.12 6.16
N GLY B 180 -15.25 24.07 6.22
CA GLY B 180 -15.23 25.18 5.29
C GLY B 180 -14.43 24.90 4.04
N ARG B 181 -13.35 24.14 4.18
CA ARG B 181 -12.39 23.97 3.09
C ARG B 181 -12.45 22.58 2.46
N GLY B 182 -13.02 21.62 3.17
CA GLY B 182 -13.09 20.26 2.70
C GLY B 182 -12.05 19.39 3.39
N SER B 183 -12.05 18.09 3.11
CA SER B 183 -11.09 17.19 3.73
C SER B 183 -9.68 17.45 3.21
N TRP B 184 -8.69 17.20 4.04
CA TRP B 184 -7.29 17.47 3.72
C TRP B 184 -6.83 16.69 2.50
N PHE B 185 -6.98 15.38 2.59
CA PHE B 185 -6.54 14.45 1.57
C PHE B 185 -7.11 14.80 0.21
N VAL B 186 -8.42 15.05 0.15
CA VAL B 186 -9.08 15.29 -1.11
C VAL B 186 -8.67 16.61 -1.77
N GLN B 187 -8.57 17.69 -1.00
CA GLN B 187 -8.22 18.97 -1.61
C GLN B 187 -6.74 19.01 -1.98
N ALA B 188 -5.90 18.37 -1.18
CA ALA B 188 -4.49 18.21 -1.55
C ALA B 188 -4.39 17.46 -2.87
N LEU B 189 -5.07 16.31 -2.93
CA LEU B 189 -5.13 15.49 -4.14
C LEU B 189 -5.59 16.29 -5.36
N CYS B 190 -6.63 17.09 -5.17
CA CYS B 190 -7.20 17.88 -6.24
C CYS B 190 -6.24 18.95 -6.72
N SER B 191 -5.53 19.58 -5.78
CA SER B 191 -4.53 20.58 -6.16
C SER B 191 -3.42 19.94 -7.01
N ILE B 192 -2.85 18.86 -6.50
CA ILE B 192 -1.77 18.16 -7.20
C ILE B 192 -2.23 17.67 -8.58
N LEU B 193 -3.48 17.25 -8.70
CA LEU B 193 -4.03 16.80 -9.97
C LEU B 193 -4.26 17.96 -10.94
N GLU B 194 -4.69 19.10 -10.39
CA GLU B 194 -4.83 20.32 -11.19
C GLU B 194 -3.49 20.67 -11.83
N GLU B 195 -2.44 20.65 -11.02
CA GLU B 195 -1.13 21.09 -11.50
C GLU B 195 -0.45 20.07 -12.42
N HIS B 196 -0.33 18.82 -11.96
CA HIS B 196 0.49 17.83 -12.67
C HIS B 196 -0.23 16.54 -13.06
N GLY B 197 -1.55 16.58 -13.09
CA GLY B 197 -2.34 15.37 -13.34
C GLY B 197 -2.02 14.63 -14.63
N LYS B 198 -1.51 15.35 -15.63
CA LYS B 198 -1.31 14.78 -16.96
C LYS B 198 0.14 14.48 -17.30
N ASP B 199 1.07 15.01 -16.51
CA ASP B 199 2.49 14.85 -16.79
C ASP B 199 3.24 14.08 -15.70
N LEU B 200 2.51 13.58 -14.72
CA LEU B 200 3.12 12.75 -13.69
C LEU B 200 2.51 11.36 -13.63
N GLU B 201 3.31 10.39 -13.20
CA GLU B 201 2.82 9.04 -12.99
C GLU B 201 2.02 9.03 -11.70
N ILE B 202 1.08 8.08 -11.59
CA ILE B 202 0.13 8.08 -10.49
C ILE B 202 0.80 8.04 -9.12
N MET B 203 1.93 7.33 -9.02
CA MET B 203 2.60 7.17 -7.74
C MET B 203 3.36 8.44 -7.35
N GLN B 204 3.84 9.17 -8.34
CA GLN B 204 4.47 10.45 -8.10
C GLN B 204 3.42 11.40 -7.52
N ILE B 205 2.26 11.41 -8.17
CA ILE B 205 1.14 12.21 -7.73
C ILE B 205 0.75 11.91 -6.29
N LEU B 206 0.52 10.63 -6.00
CA LEU B 206 0.08 10.23 -4.67
C LEU B 206 1.17 10.45 -3.61
N THR B 207 2.43 10.38 -4.03
CA THR B 207 3.54 10.67 -3.13
C THR B 207 3.56 12.15 -2.76
N ARG B 208 3.37 13.01 -3.76
CA ARG B 208 3.29 14.45 -3.52
C ARG B 208 2.08 14.79 -2.66
N VAL B 209 1.01 14.03 -2.83
CA VAL B 209 -0.17 14.19 -1.99
C VAL B 209 0.16 13.82 -0.55
N ASN B 210 0.90 12.73 -0.39
CA ASN B 210 1.37 12.32 0.93
C ASN B 210 2.16 13.44 1.59
N ASP B 211 3.11 14.01 0.85
CA ASP B 211 3.93 15.11 1.35
C ASP B 211 3.07 16.30 1.76
N ARG B 212 2.11 16.66 0.89
CA ARG B 212 1.23 17.79 1.14
C ARG B 212 0.40 17.63 2.41
N VAL B 213 -0.27 16.50 2.52
CA VAL B 213 -1.10 16.22 3.68
C VAL B 213 -0.27 16.17 4.96
N ALA B 214 0.90 15.54 4.86
CA ALA B 214 1.77 15.36 6.02
C ALA B 214 2.30 16.70 6.54
N ARG B 215 2.78 17.54 5.63
CA ARG B 215 3.43 18.79 6.03
C ARG B 215 2.49 19.98 6.14
N HIS B 216 1.81 20.30 5.04
CA HIS B 216 1.05 21.55 4.93
C HIS B 216 -0.10 21.67 5.94
N PHE B 217 -0.45 20.57 6.59
CA PHE B 217 -1.62 20.58 7.47
C PHE B 217 -1.30 20.33 8.94
N GLU B 218 -1.96 21.10 9.80
CA GLU B 218 -1.88 20.91 11.25
C GLU B 218 -3.18 21.38 11.88
N SER B 219 -3.88 20.45 12.53
CA SER B 219 -5.21 20.71 13.07
C SER B 219 -5.18 21.74 14.19
N GLN B 220 -6.22 22.57 14.25
CA GLN B 220 -6.39 23.52 15.33
C GLN B 220 -7.75 23.34 16.00
N SER B 221 -7.75 23.14 17.31
CA SER B 221 -9.00 22.96 18.06
C SER B 221 -8.80 23.34 19.53
N ASP B 222 -9.88 23.81 20.15
CA ASP B 222 -9.84 24.27 21.53
C ASP B 222 -9.66 23.11 22.52
N ASP B 223 -10.27 21.98 22.22
CA ASP B 223 -10.05 20.78 23.02
C ASP B 223 -8.62 20.31 22.78
N PRO B 224 -7.81 20.27 23.84
CA PRO B 224 -6.39 19.93 23.72
C PRO B 224 -6.18 18.50 23.23
N HIS B 225 -7.22 17.68 23.29
CA HIS B 225 -7.15 16.31 22.80
C HIS B 225 -6.98 16.28 21.28
N PHE B 226 -7.47 17.32 20.60
CA PHE B 226 -7.39 17.39 19.14
C PHE B 226 -6.61 18.58 18.61
N HIS B 227 -5.75 19.17 19.42
CA HIS B 227 -5.00 20.34 18.98
C HIS B 227 -3.63 19.96 18.42
N GLU B 228 -3.27 20.61 17.32
CA GLU B 228 -1.99 20.37 16.64
C GLU B 228 -1.76 18.89 16.33
N LYS B 229 -2.65 18.31 15.53
CA LYS B 229 -2.52 16.90 15.16
C LYS B 229 -2.19 16.74 13.68
N LYS B 230 -1.71 15.57 13.32
CA LYS B 230 -1.20 15.32 11.97
C LYS B 230 -1.91 14.18 11.27
N GLN B 231 -1.61 14.01 9.99
CA GLN B 231 -2.19 12.95 9.18
C GLN B 231 -1.26 12.56 8.05
N ILE B 232 -1.18 11.26 7.78
CA ILE B 232 -0.41 10.76 6.65
C ILE B 232 -1.25 9.78 5.85
N PRO B 233 -1.38 10.03 4.54
CA PRO B 233 -2.17 9.14 3.68
C PRO B 233 -1.48 7.80 3.48
N CYS B 234 -2.21 6.84 2.90
CA CYS B 234 -1.69 5.50 2.72
C CYS B 234 -2.02 5.02 1.31
N VAL B 235 -1.01 4.55 0.58
CA VAL B 235 -1.21 4.04 -0.76
C VAL B 235 -0.87 2.55 -0.86
N VAL B 236 -1.85 1.77 -1.31
CA VAL B 236 -1.65 0.35 -1.53
C VAL B 236 -1.66 0.05 -3.02
N SER B 237 -0.51 -0.37 -3.56
CA SER B 237 -0.39 -0.56 -5.00
C SER B 237 -0.25 -2.02 -5.39
N MET B 238 -1.10 -2.47 -6.30
CA MET B 238 -1.00 -3.78 -6.89
C MET B 238 -0.86 -3.64 -8.39
N LEU B 239 -0.52 -2.44 -8.84
CA LEU B 239 -0.36 -2.17 -10.25
C LEU B 239 0.86 -2.90 -10.80
N THR B 240 0.83 -3.23 -12.09
CA THR B 240 1.90 -3.99 -12.72
C THR B 240 2.61 -3.15 -13.77
N LYS B 241 2.12 -1.94 -13.98
CA LYS B 241 2.72 -1.01 -14.95
C LYS B 241 2.70 0.41 -14.39
N GLU B 242 3.38 1.31 -15.07
CA GLU B 242 3.31 2.72 -14.71
C GLU B 242 2.02 3.30 -15.29
N LEU B 243 1.43 4.25 -14.59
CA LEU B 243 0.13 4.76 -15.00
C LEU B 243 0.16 6.27 -15.25
N TYR B 244 -0.01 6.65 -16.51
CA TYR B 244 -0.15 8.03 -16.91
C TYR B 244 -1.54 8.26 -17.48
N PHE B 245 -2.07 9.46 -17.29
CA PHE B 245 -3.40 9.78 -17.80
C PHE B 245 -3.31 10.48 -19.16
N SER B 246 -2.32 10.07 -19.96
CA SER B 246 -2.15 10.58 -21.32
C SER B 246 -1.80 9.46 -22.29
N ASP C 3 7.57 -29.41 -2.21
CA ASP C 3 7.49 -28.52 -3.37
C ASP C 3 6.52 -27.35 -3.21
N ASP D 3 -16.12 21.36 13.72
CA ASP D 3 -14.78 21.73 13.28
C ASP D 3 -13.80 20.55 13.22
#